data_9RE5
#
_entry.id   9RE5
#
_cell.length_a   52.106
_cell.length_b   72.018
_cell.length_c   98.394
_cell.angle_alpha   90.000
_cell.angle_beta   90.000
_cell.angle_gamma   90.000
#
_symmetry.space_group_name_H-M   'P 21 21 21'
#
loop_
_entity.id
_entity.type
_entity.pdbx_description
1 polymer 'cAMP-dependent protein kinase catalytic subunit alpha'
2 non-polymer 2-pyridin-4-yl-5-[(3~{S})-pyrrolidin-3-yl]-1,3,4-oxadiazole
3 water water
#
_entity_poly.entity_id   1
_entity_poly.type   'polypeptide(L)'
_entity_poly.pdbx_seq_one_letter_code
;GHMGNAAAAKKGSEQESVKEFLAKAKEEFLKKWESPSQNTAQLDHFDRIKTLGTGSFGRVMLVKHKETGNHYAMKILDKQ
KVVKLKQIEHTLNEKRILQAVNFPFLVKLEFSFKDNSNLYMVMEYVPGGEMFSHLRRIGRF(SEP)EPHARFYAAQIVLT
FEYLHSLDLIYRDLKPENLLIDQQGYIQVTDFGFAKRVKGRTW(TPO)LCGTPEYLAPEIILSKGYNKAVDWWALGVLIY
EMAAGYPPFFADQPIQIYEKIVSGKVRFPSHFSSDLKDLLRNLLQVDLTKRFGNLKNGVNDIKNHKWFATTDWIAIYQRK
VEAPFIPKFKGPGDTSNFDDYEEEEIRV(SEP)INEKCGKEFTEF
;
_entity_poly.pdbx_strand_id   A
#
loop_
_chem_comp.id
_chem_comp.type
_chem_comp.name
_chem_comp.formula
A1JEY non-polymer 2-pyridin-4-yl-5-[(3~{S})-pyrrolidin-3-yl]-1,3,4-oxadiazole 'C11 H12 N4 O'
#
# COMPACT_ATOMS: atom_id res chain seq x y z
N GLN A 15 21.97 -15.10 8.21
CA GLN A 15 21.39 -13.83 7.80
C GLN A 15 22.27 -13.13 6.76
N GLU A 16 23.48 -13.64 6.50
CA GLU A 16 24.30 -13.08 5.43
C GLU A 16 23.55 -13.08 4.11
N SER A 17 22.79 -14.15 3.83
CA SER A 17 22.03 -14.17 2.57
C SER A 17 20.96 -13.10 2.55
N VAL A 18 20.40 -12.76 3.71
CA VAL A 18 19.42 -11.66 3.75
C VAL A 18 20.12 -10.32 3.61
N LYS A 19 21.26 -10.13 4.30
CA LYS A 19 22.04 -8.89 4.16
C LYS A 19 22.43 -8.65 2.69
N GLU A 20 22.91 -9.68 2.00
CA GLU A 20 23.34 -9.50 0.62
C GLU A 20 22.15 -9.30 -0.32
N PHE A 21 21.03 -9.96 -0.05
CA PHE A 21 19.83 -9.69 -0.82
C PHE A 21 19.41 -8.23 -0.70
N LEU A 22 19.38 -7.70 0.53
CA LEU A 22 18.95 -6.31 0.72
C LEU A 22 19.98 -5.32 0.15
N ALA A 23 21.28 -5.65 0.21
CA ALA A 23 22.28 -4.79 -0.41
C ALA A 23 22.10 -4.72 -1.92
N LYS A 24 21.85 -5.88 -2.57
CA LYS A 24 21.56 -5.87 -4.01
C LYS A 24 20.26 -5.13 -4.32
N ALA A 25 19.22 -5.34 -3.51
CA ALA A 25 17.96 -4.62 -3.72
C ALA A 25 18.17 -3.11 -3.72
N LYS A 26 19.03 -2.61 -2.81
CA LYS A 26 19.22 -1.17 -2.72
C LYS A 26 19.99 -0.62 -3.91
N GLU A 27 21.03 -1.35 -4.38
CA GLU A 27 21.76 -0.99 -5.60
C GLU A 27 20.81 -0.81 -6.79
N GLU A 28 19.92 -1.78 -7.01
CA GLU A 28 19.04 -1.73 -8.18
C GLU A 28 18.00 -0.62 -8.06
N PHE A 29 17.47 -0.41 -6.85
CA PHE A 29 16.56 0.72 -6.64
C PHE A 29 17.26 2.05 -6.93
N LEU A 30 18.48 2.25 -6.39
CA LEU A 30 19.15 3.55 -6.55
C LEU A 30 19.46 3.85 -8.01
N LYS A 31 19.82 2.84 -8.81
CA LYS A 31 20.08 3.11 -10.23
C LYS A 31 18.85 3.69 -10.91
N LYS A 32 17.67 3.08 -10.68
CA LYS A 32 16.46 3.63 -11.29
C LYS A 32 16.01 4.94 -10.65
N TRP A 33 16.23 5.09 -9.33
CA TRP A 33 15.87 6.33 -8.63
C TRP A 33 16.61 7.53 -9.22
N GLU A 34 17.89 7.37 -9.52
CA GLU A 34 18.71 8.47 -10.02
C GLU A 34 18.44 8.80 -11.48
N SER A 35 17.91 7.85 -12.25
CA SER A 35 17.61 8.06 -13.67
C SER A 35 16.23 7.49 -14.00
N PRO A 36 15.16 8.20 -13.65
CA PRO A 36 13.80 7.64 -13.79
C PRO A 36 13.35 7.55 -15.24
N SER A 37 12.55 6.53 -15.57
CA SER A 37 11.99 6.45 -16.92
C SER A 37 10.79 7.38 -17.04
N GLN A 38 10.59 7.91 -18.24
CA GLN A 38 9.50 8.84 -18.55
C GLN A 38 8.91 8.52 -19.92
N ASN A 39 7.62 8.81 -20.06
CA ASN A 39 6.96 8.92 -21.38
C ASN A 39 7.04 7.61 -22.17
N THR A 40 6.60 6.51 -21.56
CA THR A 40 6.77 5.19 -22.15
C THR A 40 5.49 4.62 -22.78
N ALA A 41 4.41 5.41 -22.85
CA ALA A 41 3.24 5.02 -23.67
C ALA A 41 2.42 6.28 -23.96
N GLN A 42 1.21 6.12 -24.51
CA GLN A 42 0.31 7.26 -24.69
C GLN A 42 -1.14 6.80 -24.66
N LEU A 43 -2.06 7.75 -24.48
CA LEU A 43 -3.44 7.38 -24.12
C LEU A 43 -4.11 6.59 -25.24
N ASP A 44 -3.89 6.97 -26.50
CA ASP A 44 -4.64 6.30 -27.57
C ASP A 44 -4.02 4.95 -27.97
N HIS A 45 -3.06 4.41 -27.18
CA HIS A 45 -2.64 3.02 -27.29
C HIS A 45 -3.57 2.07 -26.54
N PHE A 46 -4.51 2.58 -25.77
CA PHE A 46 -5.40 1.77 -24.92
C PHE A 46 -6.87 2.03 -25.21
N ASP A 47 -7.72 1.02 -24.95
CA ASP A 47 -9.17 1.16 -24.90
C ASP A 47 -9.61 1.26 -23.44
N ARG A 48 -10.56 2.16 -23.14
CA ARG A 48 -11.11 2.28 -21.79
C ARG A 48 -12.25 1.28 -21.56
N ILE A 49 -12.21 0.54 -20.43
CA ILE A 49 -13.21 -0.52 -20.17
C ILE A 49 -14.17 -0.16 -19.03
N LYS A 50 -13.64 0.21 -17.86
CA LYS A 50 -14.51 0.43 -16.70
C LYS A 50 -13.75 1.19 -15.61
N THR A 51 -14.49 1.98 -14.82
CA THR A 51 -13.87 2.63 -13.66
C THR A 51 -13.86 1.68 -12.47
N LEU A 52 -12.68 1.49 -11.87
CA LEU A 52 -12.53 0.61 -10.71
C LEU A 52 -12.53 1.34 -9.37
N GLY A 53 -12.23 2.64 -9.36
CA GLY A 53 -12.22 3.43 -8.13
C GLY A 53 -12.04 4.89 -8.45
N THR A 54 -12.51 5.75 -7.53
CA THR A 54 -12.49 7.20 -7.73
C THR A 54 -12.05 7.91 -6.45
N GLY A 55 -11.47 9.12 -6.63
CA GLY A 55 -10.98 9.93 -5.51
C GLY A 55 -11.01 11.44 -5.73
N SER A 56 -10.35 12.18 -4.83
CA SER A 56 -10.41 13.64 -4.86
C SER A 56 -9.79 14.22 -6.12
N PHE A 57 -8.64 13.70 -6.55
CA PHE A 57 -7.96 14.25 -7.72
C PHE A 57 -7.67 13.22 -8.81
N GLY A 58 -8.05 11.95 -8.61
CA GLY A 58 -7.80 10.93 -9.62
C GLY A 58 -8.72 9.72 -9.48
N ARG A 59 -8.55 8.78 -10.41
CA ARG A 59 -9.36 7.56 -10.46
C ARG A 59 -8.52 6.44 -11.06
N VAL A 60 -9.01 5.21 -10.94
CA VAL A 60 -8.32 4.06 -11.50
C VAL A 60 -9.27 3.34 -12.46
N MET A 61 -8.83 3.10 -13.70
CA MET A 61 -9.63 2.52 -14.77
C MET A 61 -9.02 1.20 -15.22
N LEU A 62 -9.86 0.23 -15.56
CA LEU A 62 -9.40 -0.93 -16.32
C LEU A 62 -9.28 -0.53 -17.79
N VAL A 63 -8.11 -0.78 -18.39
CA VAL A 63 -7.89 -0.50 -19.81
C VAL A 63 -7.36 -1.75 -20.49
N LYS A 64 -7.41 -1.77 -21.84
CA LYS A 64 -6.84 -2.85 -22.64
C LYS A 64 -5.88 -2.28 -23.68
N HIS A 65 -4.67 -2.84 -23.78
CA HIS A 65 -3.71 -2.36 -24.77
C HIS A 65 -4.13 -2.84 -26.15
N LYS A 66 -4.23 -1.90 -27.12
CA LYS A 66 -4.90 -2.25 -28.37
C LYS A 66 -4.10 -3.24 -29.20
N GLU A 67 -2.77 -3.17 -29.15
CA GLU A 67 -1.94 -4.01 -30.01
C GLU A 67 -1.66 -5.37 -29.35
N THR A 68 -1.40 -5.40 -28.05
CA THR A 68 -1.08 -6.67 -27.40
C THR A 68 -2.31 -7.40 -26.87
N GLY A 69 -3.38 -6.67 -26.56
CA GLY A 69 -4.53 -7.26 -25.89
C GLY A 69 -4.41 -7.38 -24.39
N ASN A 70 -3.30 -6.95 -23.80
CA ASN A 70 -3.11 -7.08 -22.34
C ASN A 70 -4.00 -6.10 -21.58
N HIS A 71 -4.43 -6.50 -20.38
CA HIS A 71 -5.21 -5.61 -19.52
C HIS A 71 -4.31 -4.93 -18.49
N TYR A 72 -4.64 -3.68 -18.16
CA TYR A 72 -3.88 -2.91 -17.15
C TYR A 72 -4.85 -2.10 -16.30
N ALA A 73 -4.40 -1.72 -15.11
CA ALA A 73 -5.07 -0.70 -14.30
C ALA A 73 -4.38 0.65 -14.48
N MET A 74 -5.10 1.66 -14.97
CA MET A 74 -4.53 2.97 -15.29
C MET A 74 -5.03 3.99 -14.27
N LYS A 75 -4.10 4.53 -13.46
CA LYS A 75 -4.41 5.58 -12.52
C LYS A 75 -4.22 6.93 -13.21
N ILE A 76 -5.27 7.77 -13.18
CA ILE A 76 -5.35 9.04 -13.93
C ILE A 76 -5.51 10.17 -12.93
N LEU A 77 -4.57 11.12 -12.93
CA LEU A 77 -4.62 12.26 -12.01
C LEU A 77 -4.79 13.57 -12.78
N ASP A 78 -5.76 14.37 -12.38
CA ASP A 78 -6.01 15.69 -12.99
C ASP A 78 -4.97 16.68 -12.45
N LYS A 79 -4.11 17.19 -13.33
CA LYS A 79 -3.01 18.07 -12.90
C LYS A 79 -3.52 19.29 -12.15
N GLN A 80 -4.57 19.95 -12.68
CA GLN A 80 -5.06 21.16 -12.01
C GLN A 80 -5.57 20.85 -10.61
N LYS A 81 -6.23 19.70 -10.41
CA LYS A 81 -6.72 19.36 -9.08
C LYS A 81 -5.58 18.94 -8.15
N VAL A 82 -4.54 18.29 -8.66
CA VAL A 82 -3.37 17.97 -7.82
C VAL A 82 -2.79 19.25 -7.22
N VAL A 83 -2.60 20.28 -8.06
CA VAL A 83 -2.10 21.57 -7.60
C VAL A 83 -3.00 22.16 -6.52
N LYS A 84 -4.33 22.16 -6.75
CA LYS A 84 -5.25 22.78 -5.81
C LYS A 84 -5.26 22.07 -4.45
N LEU A 85 -5.17 20.74 -4.43
CA LEU A 85 -5.10 19.99 -3.18
C LEU A 85 -3.68 19.85 -2.63
N LYS A 86 -2.73 20.59 -3.19
CA LYS A 86 -1.36 20.68 -2.68
C LYS A 86 -0.69 19.30 -2.64
N GLN A 87 -0.90 18.50 -3.68
CA GLN A 87 -0.31 17.17 -3.75
C GLN A 87 0.79 17.05 -4.82
N ILE A 88 1.41 18.14 -5.26
CA ILE A 88 2.42 18.03 -6.32
C ILE A 88 3.56 17.10 -5.88
N GLU A 89 4.17 17.42 -4.74
CA GLU A 89 5.31 16.65 -4.25
C GLU A 89 4.94 15.17 -4.05
N HIS A 90 3.75 14.92 -3.47
CA HIS A 90 3.33 13.54 -3.23
C HIS A 90 3.15 12.78 -4.55
N THR A 91 2.62 13.44 -5.57
N THR A 91 2.60 13.46 -5.56
CA THR A 91 2.42 12.70 -6.82
CA THR A 91 2.40 12.81 -6.85
C THR A 91 3.72 12.47 -7.57
C THR A 91 3.73 12.46 -7.51
N LEU A 92 4.70 13.39 -7.45
CA LEU A 92 6.02 13.09 -8.00
C LEU A 92 6.68 11.98 -7.21
N ASN A 93 6.51 11.97 -5.88
CA ASN A 93 7.00 10.86 -5.06
C ASN A 93 6.46 9.52 -5.58
N GLU A 94 5.15 9.44 -5.77
CA GLU A 94 4.52 8.17 -6.13
C GLU A 94 5.14 7.58 -7.39
N LYS A 95 5.26 8.39 -8.44
CA LYS A 95 5.71 7.84 -9.71
C LYS A 95 7.19 7.50 -9.67
N ARG A 96 8.01 8.33 -9.01
CA ARG A 96 9.45 8.07 -9.01
C ARG A 96 9.78 6.81 -8.21
N ILE A 97 9.07 6.59 -7.10
CA ILE A 97 9.26 5.38 -6.31
C ILE A 97 8.75 4.15 -7.08
N LEU A 98 7.53 4.24 -7.62
CA LEU A 98 6.94 3.07 -8.27
C LEU A 98 7.79 2.55 -9.44
N GLN A 99 8.38 3.47 -10.22
CA GLN A 99 9.20 3.02 -11.34
C GLN A 99 10.54 2.43 -10.88
N ALA A 100 10.90 2.57 -9.61
CA ALA A 100 12.22 2.13 -9.15
C ALA A 100 12.19 0.87 -8.29
N VAL A 101 11.03 0.42 -7.81
CA VAL A 101 10.98 -0.70 -6.86
C VAL A 101 10.70 -2.01 -7.60
N ASN A 102 10.92 -3.12 -6.90
CA ASN A 102 10.76 -4.45 -7.47
C ASN A 102 10.74 -5.44 -6.30
N PHE A 103 9.55 -6.01 -6.01
CA PHE A 103 9.38 -6.95 -4.90
C PHE A 103 8.13 -7.81 -5.16
N PRO A 104 8.09 -9.07 -4.71
CA PRO A 104 7.00 -9.96 -5.14
C PRO A 104 5.61 -9.49 -4.75
N PHE A 105 5.48 -8.66 -3.71
CA PHE A 105 4.18 -8.25 -3.20
C PHE A 105 3.88 -6.77 -3.44
N LEU A 106 4.61 -6.12 -4.38
CA LEU A 106 4.34 -4.75 -4.81
C LEU A 106 3.79 -4.76 -6.23
N VAL A 107 2.69 -4.02 -6.45
N VAL A 107 2.67 -4.04 -6.46
CA VAL A 107 2.13 -3.91 -7.80
CA VAL A 107 2.09 -3.94 -7.80
C VAL A 107 3.19 -3.35 -8.74
C VAL A 107 3.12 -3.32 -8.74
N LYS A 108 3.22 -3.87 -9.96
CA LYS A 108 4.24 -3.46 -10.92
C LYS A 108 3.76 -2.30 -11.80
N LEU A 109 4.57 -1.24 -11.89
CA LEU A 109 4.29 -0.14 -12.82
C LEU A 109 4.84 -0.51 -14.20
N GLU A 110 3.97 -0.56 -15.21
CA GLU A 110 4.39 -0.95 -16.56
C GLU A 110 4.69 0.24 -17.48
N PHE A 111 3.90 1.31 -17.44
CA PHE A 111 4.12 2.51 -18.27
C PHE A 111 3.79 3.76 -17.47
N SER A 112 4.38 4.90 -17.86
CA SER A 112 3.87 6.19 -17.37
C SER A 112 4.01 7.24 -18.47
N PHE A 113 3.15 8.26 -18.38
CA PHE A 113 3.16 9.36 -19.35
C PHE A 113 2.24 10.48 -18.85
N LYS A 114 2.25 11.60 -19.58
CA LYS A 114 1.41 12.75 -19.24
C LYS A 114 0.96 13.41 -20.55
N ASP A 115 -0.08 14.22 -20.45
CA ASP A 115 -0.53 15.00 -21.61
C ASP A 115 -0.94 16.38 -21.11
N ASN A 116 -1.71 17.11 -21.94
CA ASN A 116 -2.02 18.50 -21.60
C ASN A 116 -2.75 18.63 -20.28
N SER A 117 -3.57 17.63 -19.89
CA SER A 117 -4.42 17.71 -18.70
C SER A 117 -4.03 16.78 -17.56
N ASN A 118 -3.50 15.59 -17.84
CA ASN A 118 -3.49 14.53 -16.84
C ASN A 118 -2.12 13.89 -16.70
N LEU A 119 -1.92 13.22 -15.56
CA LEU A 119 -0.82 12.31 -15.32
C LEU A 119 -1.35 10.87 -15.31
N TYR A 120 -0.59 9.93 -15.89
CA TYR A 120 -1.05 8.54 -15.99
C TYR A 120 -0.01 7.54 -15.47
N MET A 121 -0.43 6.61 -14.63
CA MET A 121 0.43 5.52 -14.20
C MET A 121 -0.26 4.21 -14.57
N VAL A 122 0.38 3.40 -15.43
CA VAL A 122 -0.25 2.20 -15.97
C VAL A 122 0.36 0.99 -15.25
N MET A 123 -0.44 0.29 -14.43
CA MET A 123 0.01 -0.82 -13.59
C MET A 123 -0.55 -2.15 -14.09
N GLU A 124 0.07 -3.25 -13.67
CA GLU A 124 -0.54 -4.58 -13.86
C GLU A 124 -1.94 -4.58 -13.24
N TYR A 125 -2.89 -5.28 -13.87
CA TYR A 125 -4.24 -5.40 -13.34
C TYR A 125 -4.33 -6.64 -12.46
N VAL A 126 -4.76 -6.47 -11.21
CA VAL A 126 -4.94 -7.57 -10.24
C VAL A 126 -6.43 -7.87 -10.09
N PRO A 127 -6.97 -8.96 -10.67
CA PRO A 127 -8.44 -9.07 -10.79
C PRO A 127 -9.16 -9.60 -9.57
N GLY A 128 -8.44 -10.08 -8.56
CA GLY A 128 -9.08 -10.66 -7.37
C GLY A 128 -9.76 -9.66 -6.44
N GLY A 129 -9.53 -8.35 -6.62
CA GLY A 129 -10.18 -7.36 -5.76
C GLY A 129 -9.41 -7.02 -4.49
N GLU A 130 -9.95 -6.06 -3.74
CA GLU A 130 -9.31 -5.52 -2.54
C GLU A 130 -9.54 -6.45 -1.35
N MET A 131 -8.53 -6.54 -0.48
CA MET A 131 -8.72 -7.28 0.77
C MET A 131 -9.93 -6.77 1.54
N PHE A 132 -10.21 -5.46 1.46
CA PHE A 132 -11.35 -4.86 2.15
C PHE A 132 -12.66 -5.58 1.85
N SER A 133 -12.94 -5.82 0.57
CA SER A 133 -14.18 -6.50 0.16
C SER A 133 -14.27 -7.89 0.77
N HIS A 134 -13.20 -8.67 0.67
CA HIS A 134 -13.23 -10.05 1.16
C HIS A 134 -13.39 -10.11 2.68
N LEU A 135 -12.69 -9.23 3.40
CA LEU A 135 -12.80 -9.21 4.87
C LEU A 135 -14.21 -8.86 5.31
N ARG A 136 -14.80 -7.82 4.70
CA ARG A 136 -16.14 -7.40 5.09
C ARG A 136 -17.20 -8.44 4.70
N ARG A 137 -16.98 -9.19 3.62
CA ARG A 137 -17.95 -10.23 3.23
C ARG A 137 -17.94 -11.39 4.23
N ILE A 138 -16.74 -11.88 4.59
CA ILE A 138 -16.63 -13.06 5.45
C ILE A 138 -16.77 -12.68 6.93
N GLY A 139 -16.43 -11.46 7.31
CA GLY A 139 -16.55 -10.99 8.68
C GLY A 139 -15.19 -10.83 9.34
N ARG A 140 -14.48 -11.92 9.58
CA ARG A 140 -13.11 -11.86 10.10
C ARG A 140 -12.34 -13.04 9.51
N PHE A 141 -11.00 -12.91 9.49
CA PHE A 141 -10.10 -13.95 9.00
C PHE A 141 -9.63 -14.77 10.21
N SEP A 142 -9.47 -16.09 10.01
CA SEP A 142 -8.91 -16.93 11.06
CB SEP A 142 -8.93 -18.39 10.63
OG SEP A 142 -7.94 -18.57 9.62
C SEP A 142 -7.46 -16.48 11.34
O SEP A 142 -6.87 -15.82 10.50
P SEP A 142 -8.03 -19.99 8.83
O1P SEP A 142 -6.91 -20.01 7.68
O2P SEP A 142 -7.82 -21.13 9.96
O3P SEP A 142 -9.52 -20.12 8.18
N GLU A 143 -6.87 -16.85 12.48
CA GLU A 143 -5.49 -16.33 12.71
C GLU A 143 -4.49 -16.84 11.64
N PRO A 144 -4.58 -18.10 11.18
CA PRO A 144 -3.64 -18.53 10.13
C PRO A 144 -3.78 -17.73 8.83
N HIS A 145 -5.02 -17.36 8.49
CA HIS A 145 -5.30 -16.56 7.28
C HIS A 145 -4.75 -15.14 7.42
N ALA A 146 -5.00 -14.51 8.58
CA ALA A 146 -4.43 -13.19 8.86
C ALA A 146 -2.91 -13.25 8.85
N ARG A 147 -2.34 -14.33 9.39
CA ARG A 147 -0.88 -14.45 9.51
C ARG A 147 -0.21 -14.61 8.15
N PHE A 148 -0.86 -15.31 7.22
CA PHE A 148 -0.35 -15.42 5.85
C PHE A 148 -0.19 -14.04 5.21
N TYR A 149 -1.24 -13.20 5.29
CA TYR A 149 -1.17 -11.83 4.75
C TYR A 149 -0.18 -10.98 5.54
N ALA A 150 -0.21 -11.09 6.86
CA ALA A 150 0.70 -10.25 7.67
C ALA A 150 2.16 -10.53 7.34
N ALA A 151 2.52 -11.80 7.14
CA ALA A 151 3.91 -12.10 6.82
C ALA A 151 4.34 -11.42 5.54
N GLN A 152 3.43 -11.32 4.56
CA GLN A 152 3.77 -10.65 3.31
C GLN A 152 4.03 -9.17 3.52
N ILE A 153 3.22 -8.52 4.38
CA ILE A 153 3.46 -7.10 4.68
C ILE A 153 4.77 -6.91 5.46
N VAL A 154 5.09 -7.83 6.39
CA VAL A 154 6.36 -7.71 7.14
C VAL A 154 7.55 -7.72 6.18
N LEU A 155 7.57 -8.68 5.24
CA LEU A 155 8.67 -8.73 4.25
C LEU A 155 8.69 -7.48 3.35
N THR A 156 7.52 -6.98 2.96
CA THR A 156 7.46 -5.80 2.08
C THR A 156 7.98 -4.56 2.79
N PHE A 157 7.60 -4.38 4.07
CA PHE A 157 8.15 -3.26 4.84
C PHE A 157 9.64 -3.42 5.11
N GLU A 158 10.12 -4.66 5.31
CA GLU A 158 11.57 -4.84 5.46
C GLU A 158 12.30 -4.36 4.21
N TYR A 159 11.78 -4.72 3.02
CA TYR A 159 12.30 -4.26 1.74
C TYR A 159 12.23 -2.72 1.59
N LEU A 160 11.04 -2.14 1.76
CA LEU A 160 10.87 -0.69 1.60
C LEU A 160 11.76 0.09 2.59
N HIS A 161 11.75 -0.32 3.86
CA HIS A 161 12.50 0.44 4.85
C HIS A 161 14.03 0.37 4.59
N SER A 162 14.52 -0.76 4.04
CA SER A 162 15.95 -0.84 3.75
C SER A 162 16.38 0.13 2.65
N LEU A 163 15.44 0.52 1.79
CA LEU A 163 15.63 1.52 0.76
C LEU A 163 15.38 2.93 1.28
N ASP A 164 15.15 3.10 2.59
CA ASP A 164 14.84 4.40 3.21
C ASP A 164 13.47 4.95 2.77
N LEU A 165 12.53 4.08 2.42
CA LEU A 165 11.17 4.47 2.03
C LEU A 165 10.18 4.22 3.16
N ILE A 166 9.27 5.17 3.41
CA ILE A 166 8.13 4.97 4.31
C ILE A 166 6.87 4.91 3.45
N TYR A 167 5.99 3.94 3.74
CA TYR A 167 4.82 3.68 2.87
C TYR A 167 3.64 4.59 3.19
N ARG A 168 3.21 4.64 4.45
CA ARG A 168 2.27 5.62 5.00
C ARG A 168 0.82 5.49 4.57
N ASP A 169 0.39 4.38 3.97
CA ASP A 169 -1.03 4.24 3.62
C ASP A 169 -1.50 2.78 3.75
N LEU A 170 -0.98 2.06 4.77
CA LEU A 170 -1.46 0.69 4.97
C LEU A 170 -2.92 0.69 5.45
N LYS A 171 -3.78 0.00 4.70
CA LYS A 171 -5.18 -0.23 5.03
C LYS A 171 -5.70 -1.31 4.08
N PRO A 172 -6.80 -2.01 4.44
CA PRO A 172 -7.26 -3.14 3.60
C PRO A 172 -7.63 -2.76 2.17
N GLU A 173 -8.07 -1.52 1.93
CA GLU A 173 -8.47 -1.11 0.59
C GLU A 173 -7.28 -1.05 -0.37
N ASN A 174 -6.06 -0.93 0.14
CA ASN A 174 -4.88 -0.83 -0.73
C ASN A 174 -4.18 -2.17 -0.96
N LEU A 175 -4.71 -3.28 -0.45
CA LEU A 175 -4.07 -4.59 -0.56
C LEU A 175 -4.89 -5.42 -1.54
N LEU A 176 -4.37 -5.66 -2.74
CA LEU A 176 -5.13 -6.44 -3.72
C LEU A 176 -4.74 -7.92 -3.64
N ILE A 177 -5.70 -8.80 -3.95
CA ILE A 177 -5.47 -10.25 -3.87
C ILE A 177 -5.33 -10.79 -5.30
N ASP A 178 -4.23 -11.49 -5.57
CA ASP A 178 -3.96 -11.88 -6.96
C ASP A 178 -4.51 -13.29 -7.26
N GLN A 179 -4.24 -13.78 -8.47
CA GLN A 179 -4.80 -15.06 -8.89
C GLN A 179 -4.24 -16.24 -8.10
N GLN A 180 -3.13 -16.08 -7.38
CA GLN A 180 -2.64 -17.15 -6.50
C GLN A 180 -3.02 -16.95 -5.03
N GLY A 181 -3.80 -15.91 -4.73
CA GLY A 181 -4.21 -15.55 -3.39
C GLY A 181 -3.20 -14.75 -2.60
N TYR A 182 -2.12 -14.29 -3.22
CA TYR A 182 -1.12 -13.46 -2.55
C TYR A 182 -1.47 -11.97 -2.69
N ILE A 183 -0.84 -11.13 -1.85
CA ILE A 183 -1.07 -9.68 -1.80
C ILE A 183 -0.26 -8.97 -2.86
N GLN A 184 -0.85 -7.90 -3.41
CA GLN A 184 -0.12 -6.88 -4.19
C GLN A 184 -0.47 -5.53 -3.59
N VAL A 185 0.51 -4.87 -2.98
CA VAL A 185 0.29 -3.53 -2.40
C VAL A 185 0.20 -2.50 -3.52
N THR A 186 -0.83 -1.65 -3.48
CA THR A 186 -1.06 -0.58 -4.44
C THR A 186 -1.20 0.76 -3.71
N ASP A 187 -1.12 1.88 -4.48
CA ASP A 187 -1.27 3.26 -4.02
C ASP A 187 -0.07 3.75 -3.24
N PHE A 188 0.92 4.31 -3.95
CA PHE A 188 2.09 4.93 -3.32
C PHE A 188 1.96 6.45 -3.21
N GLY A 189 0.73 6.96 -3.22
CA GLY A 189 0.50 8.39 -3.14
C GLY A 189 1.08 9.10 -1.94
N PHE A 190 1.26 8.39 -0.81
CA PHE A 190 1.88 8.97 0.37
C PHE A 190 3.28 8.42 0.66
N ALA A 191 3.83 7.56 -0.20
CA ALA A 191 5.16 7.00 0.06
C ALA A 191 6.26 8.04 -0.15
N LYS A 192 7.32 7.95 0.64
CA LYS A 192 8.36 8.99 0.55
C LYS A 192 9.73 8.41 0.91
N ARG A 193 10.78 8.85 0.21
CA ARG A 193 12.14 8.53 0.63
C ARG A 193 12.60 9.52 1.69
N VAL A 194 12.99 8.99 2.85
CA VAL A 194 13.16 9.73 4.10
C VAL A 194 14.35 9.10 4.79
N LYS A 195 15.44 9.84 4.96
CA LYS A 195 16.48 9.49 5.90
C LYS A 195 16.25 10.39 7.11
N GLY A 196 15.77 9.79 8.18
CA GLY A 196 15.51 10.55 9.39
C GLY A 196 14.03 10.71 9.62
N ARG A 197 13.59 11.94 9.89
CA ARG A 197 12.21 12.23 10.24
C ARG A 197 11.49 12.92 9.07
N THR A 198 10.17 12.91 9.14
CA THR A 198 9.32 13.65 8.20
C THR A 198 8.09 14.14 8.95
N TRP A 199 7.34 15.05 8.35
CA TRP A 199 6.31 15.77 9.13
C TRP A 199 4.89 15.88 8.55
N TPO A 200 4.62 15.40 7.33
CA TPO A 200 3.30 15.68 6.74
CB TPO A 200 3.26 15.39 5.21
CG2 TPO A 200 2.05 16.00 4.54
OG1 TPO A 200 4.42 15.99 4.66
P TPO A 200 5.61 15.01 4.01
O1P TPO A 200 4.93 14.25 2.87
O2P TPO A 200 6.72 15.97 3.58
O3P TPO A 200 6.02 14.12 5.19
C TPO A 200 2.19 14.91 7.43
O TPO A 200 2.29 13.68 7.73
N LEU A 201 1.06 15.57 7.65
CA LEU A 201 -0.14 14.87 8.13
C LEU A 201 -0.78 14.15 6.95
N CYS A 202 -0.75 12.82 6.94
CA CYS A 202 -1.42 12.07 5.88
C CYS A 202 -1.66 10.63 6.35
N GLY A 203 -2.66 10.01 5.76
CA GLY A 203 -3.11 8.67 6.08
C GLY A 203 -4.57 8.64 6.50
N THR A 204 -5.10 7.42 6.60
N THR A 204 -5.12 7.40 6.57
CA THR A 204 -6.52 7.40 6.98
CA THR A 204 -6.51 7.29 6.99
C THR A 204 -6.66 7.27 8.51
C THR A 204 -6.62 7.32 8.52
N PRO A 205 -7.65 7.95 9.07
CA PRO A 205 -7.69 8.15 10.54
C PRO A 205 -7.53 6.91 11.41
N GLU A 206 -8.20 5.80 11.07
CA GLU A 206 -8.12 4.62 11.94
C GLU A 206 -6.72 4.01 12.01
N TYR A 207 -5.84 4.32 11.06
CA TYR A 207 -4.53 3.70 10.96
C TYR A 207 -3.39 4.61 11.38
N LEU A 208 -3.66 5.84 11.81
CA LEU A 208 -2.60 6.80 12.11
C LEU A 208 -1.92 6.51 13.46
N ALA A 209 -0.59 6.57 13.48
CA ALA A 209 0.16 6.42 14.73
C ALA A 209 0.02 7.67 15.60
N PRO A 210 0.15 7.54 16.92
CA PRO A 210 -0.01 8.73 17.80
C PRO A 210 0.91 9.88 17.42
N GLU A 211 2.14 9.61 16.98
CA GLU A 211 3.08 10.69 16.69
C GLU A 211 2.68 11.48 15.45
N ILE A 212 1.90 10.87 14.53
CA ILE A 212 1.33 11.66 13.43
C ILE A 212 0.25 12.60 13.96
N ILE A 213 -0.69 12.07 14.76
CA ILE A 213 -1.79 12.87 15.29
C ILE A 213 -1.28 14.04 16.13
N LEU A 214 -0.17 13.85 16.83
CA LEU A 214 0.40 14.91 17.67
C LEU A 214 1.37 15.84 16.94
N SER A 215 1.46 15.75 15.60
CA SER A 215 2.23 16.68 14.77
C SER A 215 3.72 16.67 15.08
N LYS A 216 4.25 15.49 15.44
CA LYS A 216 5.66 15.33 15.73
C LYS A 216 6.42 15.01 14.43
N GLY A 217 7.75 15.12 14.48
CA GLY A 217 8.56 14.55 13.41
C GLY A 217 8.61 13.05 13.59
N TYR A 218 8.18 12.29 12.59
CA TYR A 218 8.06 10.84 12.78
C TYR A 218 8.90 10.09 11.75
N ASN A 219 9.01 8.77 11.93
CA ASN A 219 9.86 7.97 11.06
C ASN A 219 9.15 6.67 10.69
N LYS A 220 9.93 5.69 10.24
CA LYS A 220 9.35 4.47 9.68
C LYS A 220 8.58 3.65 10.72
N ALA A 221 8.77 3.92 12.03
CA ALA A 221 7.96 3.23 13.03
C ALA A 221 6.45 3.43 12.83
N VAL A 222 6.01 4.45 12.09
CA VAL A 222 4.56 4.57 11.86
C VAL A 222 4.02 3.46 10.95
N ASP A 223 4.86 2.86 10.10
CA ASP A 223 4.39 1.72 9.30
C ASP A 223 4.16 0.49 10.19
N TRP A 224 5.00 0.29 11.20
CA TRP A 224 4.83 -0.85 12.11
C TRP A 224 3.59 -0.67 13.01
N TRP A 225 3.30 0.56 13.43
CA TRP A 225 2.02 0.82 14.11
C TRP A 225 0.86 0.44 13.20
N ALA A 226 0.91 0.87 11.94
CA ALA A 226 -0.21 0.57 11.05
C ALA A 226 -0.35 -0.94 10.79
N LEU A 227 0.76 -1.71 10.82
CA LEU A 227 0.68 -3.17 10.72
C LEU A 227 -0.08 -3.75 11.91
N GLY A 228 0.15 -3.22 13.12
CA GLY A 228 -0.65 -3.62 14.28
C GLY A 228 -2.15 -3.41 14.06
N VAL A 229 -2.52 -2.23 13.55
CA VAL A 229 -3.94 -1.95 13.28
C VAL A 229 -4.49 -2.95 12.27
N LEU A 230 -3.73 -3.22 11.20
CA LEU A 230 -4.19 -4.12 10.15
C LEU A 230 -4.39 -5.55 10.68
N ILE A 231 -3.41 -6.07 11.44
CA ILE A 231 -3.56 -7.44 11.98
C ILE A 231 -4.77 -7.51 12.91
N TYR A 232 -4.95 -6.50 13.77
CA TYR A 232 -6.14 -6.49 14.63
C TYR A 232 -7.42 -6.52 13.80
N GLU A 233 -7.50 -5.66 12.79
CA GLU A 233 -8.70 -5.60 11.95
C GLU A 233 -8.92 -6.90 11.19
N MET A 234 -7.86 -7.53 10.67
CA MET A 234 -8.07 -8.80 9.96
C MET A 234 -8.63 -9.86 10.89
N ALA A 235 -8.14 -9.91 12.14
CA ALA A 235 -8.50 -10.98 13.07
C ALA A 235 -9.79 -10.73 13.86
N ALA A 236 -10.17 -9.47 14.07
CA ALA A 236 -11.41 -9.11 14.76
C ALA A 236 -12.58 -8.82 13.83
N GLY A 237 -12.32 -8.27 12.65
CA GLY A 237 -13.36 -7.78 11.77
C GLY A 237 -13.64 -6.29 11.85
N TYR A 238 -12.98 -5.57 12.75
CA TYR A 238 -13.13 -4.12 12.97
C TYR A 238 -11.82 -3.61 13.55
N PRO A 239 -11.57 -2.31 13.46
CA PRO A 239 -10.24 -1.79 13.90
C PRO A 239 -10.22 -1.46 15.38
N PRO A 240 -9.03 -1.35 15.98
CA PRO A 240 -8.94 -1.26 17.45
C PRO A 240 -9.40 0.06 18.06
N PHE A 241 -9.36 1.17 17.31
CA PHE A 241 -9.69 2.47 17.88
C PHE A 241 -10.95 3.05 17.27
N PHE A 242 -11.86 2.17 16.87
CA PHE A 242 -13.07 2.57 16.16
C PHE A 242 -13.88 3.62 16.93
N ALA A 243 -14.32 4.65 16.20
CA ALA A 243 -15.29 5.61 16.73
C ALA A 243 -15.99 6.29 15.56
N ASP A 244 -16.99 7.12 15.87
CA ASP A 244 -17.86 7.64 14.81
C ASP A 244 -17.27 8.83 14.05
N GLN A 245 -16.50 9.70 14.71
CA GLN A 245 -15.88 10.83 14.04
C GLN A 245 -14.38 10.82 14.32
N PRO A 246 -13.58 11.43 13.43
CA PRO A 246 -12.10 11.38 13.60
C PRO A 246 -11.60 11.88 14.94
N ILE A 247 -12.18 12.96 15.48
CA ILE A 247 -11.65 13.50 16.73
C ILE A 247 -11.75 12.47 17.84
N GLN A 248 -12.80 11.63 17.83
CA GLN A 248 -12.94 10.58 18.82
C GLN A 248 -11.99 9.42 18.55
N ILE A 249 -11.73 9.12 17.27
CA ILE A 249 -10.72 8.11 16.95
C ILE A 249 -9.37 8.57 17.47
N TYR A 250 -9.01 9.84 17.21
CA TYR A 250 -7.71 10.34 17.63
C TYR A 250 -7.54 10.25 19.15
N GLU A 251 -8.59 10.54 19.91
CA GLU A 251 -8.48 10.42 21.38
C GLU A 251 -8.20 8.98 21.82
N LYS A 252 -8.83 7.99 21.18
CA LYS A 252 -8.56 6.59 21.55
C LYS A 252 -7.14 6.19 21.16
N ILE A 253 -6.65 6.64 20.00
CA ILE A 253 -5.31 6.27 19.56
C ILE A 253 -4.25 6.77 20.55
N VAL A 254 -4.36 8.03 20.96
CA VAL A 254 -3.30 8.61 21.81
C VAL A 254 -3.38 8.07 23.24
N SER A 255 -4.55 7.61 23.68
CA SER A 255 -4.64 6.92 24.96
C SER A 255 -3.94 5.56 24.89
N GLY A 256 -4.04 4.89 23.73
CA GLY A 256 -3.46 3.58 23.53
C GLY A 256 -4.22 2.44 24.18
N LYS A 257 -5.19 2.70 25.04
CA LYS A 257 -6.03 1.64 25.58
C LYS A 257 -6.67 0.85 24.44
N VAL A 258 -6.39 -0.46 24.40
CA VAL A 258 -6.95 -1.34 23.39
C VAL A 258 -7.59 -2.52 24.12
N ARG A 259 -8.78 -2.91 23.67
CA ARG A 259 -9.49 -4.07 24.21
C ARG A 259 -9.41 -5.18 23.17
N PHE A 260 -9.02 -6.39 23.60
CA PHE A 260 -8.90 -7.49 22.66
C PHE A 260 -10.08 -8.45 22.81
N PRO A 261 -10.67 -8.92 21.71
CA PRO A 261 -11.70 -9.98 21.81
C PRO A 261 -11.14 -11.22 22.51
N SER A 262 -12.04 -11.95 23.18
CA SER A 262 -11.60 -13.15 23.90
C SER A 262 -11.10 -14.23 22.95
N HIS A 263 -11.57 -14.23 21.70
CA HIS A 263 -11.08 -15.32 20.85
C HIS A 263 -9.66 -15.11 20.37
N PHE A 264 -9.07 -13.93 20.55
CA PHE A 264 -7.65 -13.75 20.21
C PHE A 264 -6.77 -14.70 21.03
N SER A 265 -5.78 -15.31 20.37
CA SER A 265 -4.78 -16.09 21.09
C SER A 265 -3.90 -15.21 21.98
N SER A 266 -3.30 -15.82 23.02
CA SER A 266 -2.36 -15.07 23.85
C SER A 266 -1.16 -14.54 23.05
N ASP A 267 -0.64 -15.31 22.08
CA ASP A 267 0.49 -14.82 21.30
C ASP A 267 0.09 -13.61 20.45
N LEU A 268 -1.14 -13.63 19.93
CA LEU A 268 -1.61 -12.50 19.11
C LEU A 268 -1.73 -11.24 19.93
N LYS A 269 -2.33 -11.32 21.12
CA LYS A 269 -2.41 -10.16 22.01
C LYS A 269 -1.03 -9.61 22.34
N ASP A 270 -0.04 -10.48 22.59
CA ASP A 270 1.29 -10.00 22.95
C ASP A 270 1.96 -9.27 21.79
N LEU A 271 1.84 -9.81 20.57
CA LEU A 271 2.39 -9.13 19.40
C LEU A 271 1.75 -7.75 19.23
N LEU A 272 0.41 -7.68 19.35
CA LEU A 272 -0.30 -6.42 19.11
C LEU A 272 0.06 -5.37 20.16
N ARG A 273 0.26 -5.79 21.43
CA ARG A 273 0.67 -4.81 22.46
C ARG A 273 2.01 -4.17 22.13
N ASN A 274 2.90 -4.90 21.44
CA ASN A 274 4.22 -4.41 21.09
C ASN A 274 4.26 -3.63 19.79
N LEU A 275 3.34 -3.92 18.85
CA LEU A 275 3.21 -3.08 17.65
C LEU A 275 2.39 -1.82 17.92
N LEU A 276 1.33 -1.93 18.72
CA LEU A 276 0.47 -0.80 19.09
C LEU A 276 0.98 -0.13 20.36
N GLN A 277 2.29 0.06 20.41
CA GLN A 277 2.98 0.71 21.51
C GLN A 277 3.02 2.21 21.24
N VAL A 278 2.41 3.01 22.13
N VAL A 278 2.39 3.00 22.12
CA VAL A 278 2.31 4.44 21.87
CA VAL A 278 2.32 4.44 21.89
C VAL A 278 3.66 5.16 21.99
C VAL A 278 3.72 5.04 21.84
N ASP A 279 4.60 4.60 22.74
CA ASP A 279 5.95 5.16 22.81
C ASP A 279 6.74 4.61 21.63
N LEU A 280 7.05 5.47 20.65
CA LEU A 280 7.70 4.98 19.44
C LEU A 280 9.08 4.38 19.69
N THR A 281 9.76 4.79 20.78
CA THR A 281 11.08 4.24 21.07
C THR A 281 11.03 2.84 21.67
N LYS A 282 9.83 2.32 21.98
CA LYS A 282 9.63 0.96 22.49
C LYS A 282 8.86 0.05 21.54
N ARG A 283 8.54 0.51 20.33
CA ARG A 283 7.64 -0.19 19.43
C ARG A 283 8.39 -1.24 18.60
N PHE A 284 7.84 -2.46 18.54
CA PHE A 284 8.45 -3.50 17.73
C PHE A 284 8.59 -3.05 16.29
N GLY A 285 9.73 -3.38 15.69
CA GLY A 285 10.12 -2.86 14.42
C GLY A 285 11.09 -1.70 14.52
N ASN A 286 11.09 -1.00 15.66
CA ASN A 286 11.89 0.21 15.84
C ASN A 286 12.95 0.03 16.93
N LEU A 287 13.22 -1.21 17.36
CA LEU A 287 14.23 -1.51 18.36
C LEU A 287 15.56 -1.89 17.71
N LYS A 288 16.54 -2.25 18.54
CA LYS A 288 17.89 -2.55 18.04
C LYS A 288 17.88 -3.73 17.07
N ASN A 289 17.03 -4.73 17.30
CA ASN A 289 16.96 -5.87 16.39
C ASN A 289 16.01 -5.66 15.21
N GLY A 290 15.44 -4.47 15.06
CA GLY A 290 14.72 -4.13 13.84
C GLY A 290 13.57 -5.09 13.58
N VAL A 291 13.44 -5.51 12.32
CA VAL A 291 12.33 -6.38 11.94
C VAL A 291 12.41 -7.76 12.59
N ASN A 292 13.59 -8.17 13.08
CA ASN A 292 13.65 -9.54 13.60
C ASN A 292 12.90 -9.73 14.91
N ASP A 293 12.63 -8.66 15.66
CA ASP A 293 11.77 -8.83 16.83
C ASP A 293 10.37 -9.26 16.41
N ILE A 294 9.96 -8.87 15.21
CA ILE A 294 8.65 -9.31 14.69
C ILE A 294 8.74 -10.70 14.09
N LYS A 295 9.71 -10.93 13.20
CA LYS A 295 9.82 -12.24 12.54
C LYS A 295 10.02 -13.38 13.55
N ASN A 296 10.63 -13.11 14.70
CA ASN A 296 10.94 -14.14 15.69
C ASN A 296 9.92 -14.24 16.81
N HIS A 297 8.87 -13.43 16.77
CA HIS A 297 7.81 -13.51 17.77
C HIS A 297 7.04 -14.84 17.67
N LYS A 298 6.60 -15.33 18.83
CA LYS A 298 5.82 -16.58 18.91
C LYS A 298 4.63 -16.62 17.94
N TRP A 299 3.99 -15.47 17.65
CA TRP A 299 2.82 -15.56 16.77
C TRP A 299 3.20 -16.01 15.37
N PHE A 300 4.45 -15.78 14.96
CA PHE A 300 4.90 -16.18 13.63
C PHE A 300 5.70 -17.50 13.66
N ALA A 301 5.60 -18.28 14.73
CA ALA A 301 6.44 -19.49 14.85
C ALA A 301 6.22 -20.48 13.70
N THR A 302 5.00 -20.59 13.17
CA THR A 302 4.71 -21.53 12.08
C THR A 302 5.03 -20.96 10.70
N THR A 303 5.52 -19.73 10.60
CA THR A 303 5.78 -19.08 9.32
C THR A 303 7.16 -19.42 8.76
N ASP A 304 7.19 -19.93 7.52
CA ASP A 304 8.43 -20.16 6.77
C ASP A 304 8.67 -18.92 5.91
N TRP A 305 9.55 -18.03 6.38
CA TRP A 305 9.69 -16.72 5.73
C TRP A 305 10.20 -16.85 4.30
N ILE A 306 11.10 -17.81 4.04
CA ILE A 306 11.63 -18.01 2.71
C ILE A 306 10.56 -18.55 1.77
N ALA A 307 9.75 -19.50 2.27
CA ALA A 307 8.68 -20.08 1.46
C ALA A 307 7.65 -19.02 1.06
N ILE A 308 7.31 -18.11 1.98
CA ILE A 308 6.39 -17.01 1.62
C ILE A 308 6.99 -16.14 0.52
N TYR A 309 8.25 -15.73 0.70
CA TYR A 309 8.91 -14.88 -0.31
C TYR A 309 8.89 -15.56 -1.68
N GLN A 310 9.20 -16.86 -1.73
CA GLN A 310 9.22 -17.63 -2.96
C GLN A 310 7.83 -18.04 -3.46
N ARG A 311 6.77 -17.63 -2.76
CA ARG A 311 5.39 -17.89 -3.16
C ARG A 311 5.12 -19.40 -3.28
N LYS A 312 5.69 -20.18 -2.35
CA LYS A 312 5.52 -21.62 -2.36
C LYS A 312 4.50 -22.12 -1.35
N VAL A 313 3.93 -21.24 -0.50
CA VAL A 313 2.88 -21.62 0.44
C VAL A 313 1.52 -21.61 -0.28
N GLU A 314 0.69 -22.64 -0.05
CA GLU A 314 -0.67 -22.62 -0.57
C GLU A 314 -1.50 -21.56 0.16
N ALA A 315 -2.16 -20.69 -0.62
CA ALA A 315 -2.91 -19.60 -0.02
C ALA A 315 -4.17 -20.09 0.68
N PRO A 316 -4.63 -19.37 1.70
CA PRO A 316 -5.88 -19.78 2.37
C PRO A 316 -7.11 -19.60 1.52
N PHE A 317 -7.03 -18.82 0.44
CA PHE A 317 -8.21 -18.34 -0.23
C PHE A 317 -7.82 -17.88 -1.63
N ILE A 318 -8.53 -18.37 -2.64
CA ILE A 318 -8.28 -17.98 -4.03
C ILE A 318 -9.51 -17.24 -4.52
N PRO A 319 -9.41 -15.99 -4.95
CA PRO A 319 -10.59 -15.26 -5.41
C PRO A 319 -11.23 -15.91 -6.63
N LYS A 320 -12.56 -15.75 -6.72
CA LYS A 320 -13.34 -16.29 -7.84
C LYS A 320 -13.36 -15.21 -8.93
N PHE A 321 -12.81 -15.53 -10.09
CA PHE A 321 -12.95 -14.63 -11.23
C PHE A 321 -12.78 -15.46 -12.51
N LYS A 322 -13.26 -14.91 -13.61
CA LYS A 322 -13.37 -15.69 -14.84
C LYS A 322 -12.18 -15.55 -15.77
N GLY A 323 -11.38 -14.49 -15.65
CA GLY A 323 -10.27 -14.27 -16.53
C GLY A 323 -9.63 -12.92 -16.26
N PRO A 324 -8.57 -12.60 -17.00
CA PRO A 324 -7.84 -11.33 -16.73
C PRO A 324 -8.63 -10.07 -17.02
N GLY A 325 -9.79 -10.17 -17.67
CA GLY A 325 -10.58 -8.98 -17.90
C GLY A 325 -11.82 -8.88 -17.04
N ASP A 326 -12.00 -9.84 -16.11
CA ASP A 326 -13.18 -9.85 -15.24
C ASP A 326 -13.10 -8.74 -14.20
N THR A 327 -14.16 -7.92 -14.10
CA THR A 327 -14.26 -6.85 -13.10
C THR A 327 -15.24 -7.16 -11.96
N SER A 328 -15.64 -8.43 -11.81
N SER A 328 -15.66 -8.42 -11.81
CA SER A 328 -16.73 -8.76 -10.89
CA SER A 328 -16.75 -8.74 -10.89
C SER A 328 -16.38 -8.45 -9.44
C SER A 328 -16.37 -8.53 -9.43
N ASN A 329 -15.10 -8.49 -9.09
CA ASN A 329 -14.69 -8.26 -7.70
C ASN A 329 -14.51 -6.79 -7.35
N PHE A 330 -14.76 -5.87 -8.29
CA PHE A 330 -14.78 -4.44 -8.06
C PHE A 330 -16.21 -3.91 -8.25
N ASP A 331 -16.48 -2.72 -7.75
CA ASP A 331 -17.85 -2.23 -7.69
C ASP A 331 -18.11 -1.16 -8.75
N ASP A 332 -19.33 -0.61 -8.76
CA ASP A 332 -19.81 0.21 -9.88
C ASP A 332 -19.79 1.70 -9.54
N TYR A 333 -19.17 2.50 -10.43
CA TYR A 333 -19.05 3.95 -10.28
C TYR A 333 -19.60 4.62 -11.52
N GLU A 334 -20.13 5.84 -11.37
CA GLU A 334 -20.54 6.62 -12.55
C GLU A 334 -19.35 6.75 -13.51
N GLU A 335 -19.59 6.53 -14.80
CA GLU A 335 -18.52 6.56 -15.80
C GLU A 335 -18.35 7.98 -16.36
N GLU A 336 -17.20 8.59 -16.09
CA GLU A 336 -16.95 9.96 -16.50
C GLU A 336 -15.94 10.04 -17.64
N GLU A 337 -16.05 11.10 -18.46
CA GLU A 337 -15.10 11.32 -19.56
C GLU A 337 -13.65 11.42 -19.06
N ILE A 338 -12.70 11.05 -19.94
CA ILE A 338 -11.28 11.41 -19.78
C ILE A 338 -10.97 12.50 -20.79
N ARG A 339 -11.10 13.76 -20.38
CA ARG A 339 -10.89 14.90 -21.28
C ARG A 339 -9.43 15.38 -21.27
N VAL A 340 -8.93 15.74 -22.45
CA VAL A 340 -7.58 16.28 -22.59
C VAL A 340 -7.68 17.63 -23.30
N SEP A 341 -7.32 18.70 -22.58
CA SEP A 341 -7.49 20.08 -23.08
CB SEP A 341 -7.16 21.09 -21.96
OG SEP A 341 -6.94 22.38 -22.48
C SEP A 341 -6.62 20.35 -24.28
O SEP A 341 -5.60 19.71 -24.48
P SEP A 341 -8.33 23.20 -22.63
O1P SEP A 341 -9.01 22.88 -24.04
O2P SEP A 341 -9.34 22.78 -21.44
O3P SEP A 341 -7.98 24.77 -22.47
N ILE A 342 -7.05 21.32 -25.10
CA ILE A 342 -6.28 21.76 -26.25
C ILE A 342 -5.01 22.52 -25.84
N ASN A 343 -4.99 23.04 -24.61
CA ASN A 343 -3.85 23.81 -24.08
C ASN A 343 -3.21 23.07 -22.89
N GLU A 344 -1.87 23.21 -22.77
CA GLU A 344 -1.15 22.53 -21.69
C GLU A 344 -1.40 23.21 -20.34
N LYS A 345 -1.72 22.42 -19.31
CA LYS A 345 -1.94 22.93 -17.96
C LYS A 345 -0.78 22.51 -17.06
N CYS A 346 -0.32 23.44 -16.22
CA CYS A 346 0.65 23.14 -15.15
C CYS A 346 1.90 22.42 -15.66
N GLY A 347 2.40 22.83 -16.82
CA GLY A 347 3.55 22.15 -17.41
C GLY A 347 4.79 22.19 -16.51
N LYS A 348 5.10 23.37 -15.97
CA LYS A 348 6.30 23.55 -15.14
C LYS A 348 6.27 22.67 -13.89
N GLU A 349 5.14 22.67 -13.17
CA GLU A 349 5.02 21.93 -11.92
C GLU A 349 5.34 20.45 -12.11
N PHE A 350 5.03 19.89 -13.28
CA PHE A 350 5.20 18.44 -13.49
C PHE A 350 6.28 18.12 -14.51
N THR A 351 7.26 19.02 -14.68
CA THR A 351 8.33 18.78 -15.64
C THR A 351 9.01 17.42 -15.43
N GLU A 352 9.23 17.03 -14.18
CA GLU A 352 10.03 15.82 -13.97
C GLU A 352 9.21 14.54 -14.15
N PHE A 353 7.89 14.64 -14.23
CA PHE A 353 7.05 13.45 -14.32
C PHE A 353 7.31 12.74 -15.64
C11 A1JEY B . -4.31 -1.84 -9.26
C10 A1JEY B . -4.31 -2.98 -9.98
C01 A1JEY B . -9.14 2.09 -4.48
C02 A1JEY B . -8.38 2.16 -5.80
C03 A1JEY B . -6.93 1.96 -5.41
C04 A1JEY B . -7.03 1.05 -4.17
C05 A1JEY B . -6.14 1.28 -6.45
C06 A1JEY B . -5.58 -0.12 -7.86
C07 A1JEY B . -5.56 -1.32 -8.68
C08 A1JEY B . -6.76 -2.15 -8.91
C09 A1JEY B . -6.65 -3.29 -9.63
N01 A1JEY B . -8.25 1.48 -3.48
N02 A1JEY B . -4.92 1.68 -6.90
N03 A1JEY B . -4.57 0.81 -7.77
N04 A1JEY B . -5.45 -3.71 -10.16
O01 A1JEY B . -6.59 0.12 -7.01
C11 A1JEY C . 4.21 20.18 2.75
C10 A1JEY C . 5.54 20.21 2.90
C01 A1JEY C . -2.49 21.55 2.85
C02 A1JEY C . -1.21 20.95 3.42
C03 A1JEY C . -1.16 19.52 2.87
C04 A1JEY C . -2.32 19.45 1.87
C05 A1JEY C . 0.15 19.11 2.28
C06 A1JEY C . 2.18 18.90 1.94
C07 A1JEY C . 3.61 19.01 2.09
C08 A1JEY C . 4.51 17.92 1.67
C09 A1JEY C . 5.84 18.06 1.91
N01 A1JEY C . -3.28 20.40 2.44
N02 A1JEY C . 0.30 18.25 1.23
N03 A1JEY C . 1.54 18.11 1.01
N04 A1JEY C . 6.35 19.18 2.52
O01 A1JEY C . 1.34 19.54 2.78
#